data_3G38
#
_entry.id   3G38
#
_cell.length_a   79.960
_cell.length_b   107.150
_cell.length_c   44.270
_cell.angle_alpha   90.000
_cell.angle_beta   90.000
_cell.angle_gamma   90.000
#
_symmetry.space_group_name_H-M   'P 21 21 2'
#
loop_
_entity.id
_entity.type
_entity.pdbx_description
1 polymer Exodeoxyribonuclease
2 polymer "5'-D(*CP*CP*TP*GP*UP*GP*CP*GP*AP*T)-3'"
3 polymer "5'-D(*CP*GP*CP*GP*CP*AP*GP*GP*C)-3'"
4 non-polymer GLYCEROL
5 water water
#
loop_
_entity_poly.entity_id
_entity_poly.type
_entity_poly.pdbx_seq_one_letter_code
_entity_poly.pdbx_strand_id
1 'polypeptide(L)'
;MAVLKIISWNVNGLRAVHRKGFLKWFMEEKPDILCLQEIKAAPEQLPRKLRHVEGYRSFFTPAERKGYSGVAMYTKVPPS
SLREGFGVERFDTEGRIQIADFDDFLLYNIYFPNGKMSEERLKYKLEFYDAFLEDVNRERDSGRNVIICGNFNTAHREID
LARPKENSNVSGFLPVERAWIDKFIENGYVDTFRMFNSDPGQYTWWSYRTRARERNVGWRLDYFFVNEEFKGKVKRSWIL
SDVMGSDHCPIGLEIELLEHHHHHH
;
A
2 'polydeoxyribonucleotide' (DC)(DC)(DT)(DG)(DU)(DG)(DC)(DG)(DA)(DT) G
3 'polydeoxyribonucleotide' (DC)(DG)(DC)(DG)(DC)(DA)(DG)(DG)(DC) K
#
loop_
_chem_comp.id
_chem_comp.type
_chem_comp.name
_chem_comp.formula
DA DNA linking 2'-DEOXYADENOSINE-5'-MONOPHOSPHATE 'C10 H14 N5 O6 P'
DC DNA linking 2'-DEOXYCYTIDINE-5'-MONOPHOSPHATE 'C9 H14 N3 O7 P'
DG DNA linking 2'-DEOXYGUANOSINE-5'-MONOPHOSPHATE 'C10 H14 N5 O7 P'
DT DNA linking THYMIDINE-5'-MONOPHOSPHATE 'C10 H15 N2 O8 P'
DU DNA linking 2'-DEOXYURIDINE-5'-MONOPHOSPHATE 'C9 H13 N2 O8 P'
GOL non-polymer GLYCEROL 'C3 H8 O3'
#
# COMPACT_ATOMS: atom_id res chain seq x y z
N ALA A 2 -24.38 -1.33 3.09
CA ALA A 2 -23.34 -2.40 3.12
C ALA A 2 -21.98 -1.91 2.59
N VAL A 3 -21.20 -1.31 3.49
CA VAL A 3 -19.89 -0.73 3.15
C VAL A 3 -18.67 -1.58 3.59
N LEU A 4 -17.70 -1.72 2.69
CA LEU A 4 -16.49 -2.51 2.93
C LEU A 4 -15.29 -1.67 3.34
N LYS A 5 -14.90 -1.72 4.61
CA LYS A 5 -13.72 -0.97 5.07
C LYS A 5 -12.42 -1.71 4.79
N ILE A 6 -11.51 -1.04 4.12
CA ILE A 6 -10.21 -1.62 3.80
C ILE A 6 -9.11 -0.75 4.38
N ILE A 7 -8.14 -1.38 5.02
CA ILE A 7 -7.00 -0.65 5.57
C ILE A 7 -5.71 -1.14 4.92
N SER A 8 -4.85 -0.20 4.56
CA SER A 8 -3.50 -0.51 4.13
C SER A 8 -2.53 0.01 5.17
N TRP A 9 -1.47 -0.75 5.44
CA TRP A 9 -0.43 -0.27 6.33
C TRP A 9 0.93 -0.79 5.96
N ASN A 10 1.86 0.12 5.68
CA ASN A 10 3.27 -0.26 5.59
C ASN A 10 3.78 -0.40 7.01
N VAL A 11 3.91 -1.65 7.42
CA VAL A 11 3.97 -1.97 8.82
C VAL A 11 5.40 -1.90 9.35
N ASN A 12 6.37 -2.07 8.46
CA ASN A 12 7.81 -2.03 8.79
C ASN A 12 8.21 -2.97 9.94
N GLY A 13 8.04 -4.26 9.69
CA GLY A 13 8.24 -5.30 10.70
C GLY A 13 6.95 -5.67 11.44
N LEU A 14 6.25 -6.69 10.94
CA LEU A 14 4.98 -7.12 11.55
C LEU A 14 5.20 -7.70 12.93
N ARG A 15 6.32 -8.38 13.12
CA ARG A 15 6.68 -8.92 14.42
C ARG A 15 6.91 -7.78 15.42
N ALA A 16 7.45 -6.67 14.92
CA ALA A 16 7.66 -5.46 15.72
C ALA A 16 6.37 -4.72 16.04
N VAL A 17 5.47 -4.61 15.06
CA VAL A 17 4.23 -3.87 15.28
C VAL A 17 3.31 -4.63 16.23
N HIS A 18 3.49 -5.94 16.25
CA HIS A 18 2.77 -6.83 17.15
C HIS A 18 3.19 -6.52 18.59
N ARG A 19 4.48 -6.22 18.78
CA ARG A 19 5.02 -5.81 20.07
C ARG A 19 4.59 -4.39 20.49
N LYS A 20 4.05 -3.61 19.54
CA LYS A 20 3.58 -2.24 19.81
C LYS A 20 2.07 -2.09 19.63
N GLY A 21 1.32 -3.10 20.10
CA GLY A 21 -0.14 -3.04 20.23
C GLY A 21 -0.97 -3.44 19.01
N PHE A 22 -0.30 -3.90 17.95
CA PHE A 22 -0.93 -4.15 16.64
C PHE A 22 -2.32 -4.76 16.71
N LEU A 23 -2.39 -6.01 17.15
CA LEU A 23 -3.64 -6.76 17.25
C LEU A 23 -4.73 -5.99 18.00
N LYS A 24 -4.37 -5.43 19.14
CA LYS A 24 -5.30 -4.62 19.91
C LYS A 24 -6.05 -3.67 18.97
N TRP A 25 -5.30 -2.88 18.20
CA TRP A 25 -5.84 -1.96 17.20
C TRP A 25 -6.58 -2.69 16.11
N PHE A 26 -5.99 -3.79 15.63
CA PHE A 26 -6.58 -4.61 14.58
C PHE A 26 -8.00 -5.07 14.93
N MET A 27 -8.31 -5.22 16.21
CA MET A 27 -9.65 -5.62 16.62
C MET A 27 -10.52 -4.42 17.03
N GLU A 28 -9.88 -3.37 17.55
CA GLU A 28 -10.57 -2.12 17.88
C GLU A 28 -11.15 -1.52 16.59
N GLU A 29 -10.23 -1.09 15.72
CA GLU A 29 -10.51 -0.80 14.33
C GLU A 29 -10.92 -2.11 13.71
N LYS A 30 -12.08 -2.16 13.06
CA LYS A 30 -12.55 -3.43 12.52
C LYS A 30 -12.75 -3.36 11.00
N PRO A 31 -11.69 -3.65 10.23
CA PRO A 31 -11.75 -3.59 8.77
C PRO A 31 -12.04 -4.94 8.12
N ASP A 32 -12.94 -4.95 7.15
CA ASP A 32 -13.24 -6.16 6.38
C ASP A 32 -12.02 -6.69 5.63
N ILE A 33 -11.13 -5.79 5.23
CA ILE A 33 -9.88 -6.21 4.65
C ILE A 33 -8.76 -5.37 5.22
N LEU A 34 -7.67 -6.03 5.59
CA LEU A 34 -6.47 -5.33 6.00
C LEU A 34 -5.32 -5.80 5.13
N CYS A 35 -4.75 -4.85 4.41
CA CYS A 35 -3.56 -5.08 3.60
C CYS A 35 -2.35 -4.49 4.32
N LEU A 36 -1.33 -5.32 4.51
CA LEU A 36 -0.10 -4.89 5.17
C LEU A 36 1.09 -5.02 4.22
N GLN A 37 2.03 -4.09 4.36
CA GLN A 37 3.21 -4.06 3.48
C GLN A 37 4.48 -3.94 4.31
N GLU A 38 5.59 -4.31 3.70
CA GLU A 38 6.90 -4.41 4.36
C GLU A 38 6.79 -5.15 5.69
N ILE A 39 6.54 -6.45 5.57
CA ILE A 39 6.19 -7.29 6.69
C ILE A 39 7.44 -7.83 7.40
N LYS A 40 8.54 -7.94 6.64
CA LYS A 40 9.85 -8.40 7.13
C LYS A 40 9.76 -9.71 7.91
N ALA A 41 9.15 -10.72 7.28
CA ALA A 41 8.90 -12.02 7.92
C ALA A 41 8.36 -13.05 6.93
N ALA A 42 8.72 -14.32 7.15
CA ALA A 42 7.99 -15.45 6.56
C ALA A 42 6.94 -15.86 7.60
N PRO A 43 5.89 -16.59 7.20
CA PRO A 43 4.79 -16.82 8.16
C PRO A 43 5.20 -17.67 9.37
N GLU A 44 6.10 -18.63 9.15
CA GLU A 44 6.65 -19.49 10.20
C GLU A 44 7.54 -18.76 11.19
N GLN A 45 7.68 -17.45 11.02
CA GLN A 45 8.42 -16.60 11.96
C GLN A 45 7.47 -15.79 12.83
N LEU A 46 6.20 -15.73 12.43
CA LEU A 46 5.21 -14.95 13.14
C LEU A 46 4.59 -15.77 14.24
N PRO A 47 4.21 -15.12 15.37
CA PRO A 47 3.43 -15.80 16.41
C PRO A 47 2.08 -16.26 15.87
N ARG A 48 1.62 -17.43 16.30
CA ARG A 48 0.32 -17.98 15.91
C ARG A 48 -0.82 -16.96 16.04
N LYS A 49 -0.67 -16.05 17.00
CA LYS A 49 -1.61 -14.98 17.23
C LYS A 49 -1.80 -14.08 16.00
N LEU A 50 -0.76 -13.98 15.18
CA LEU A 50 -0.80 -13.20 13.92
C LEU A 50 -1.29 -14.05 12.75
N ARG A 51 -0.75 -15.26 12.60
CA ARG A 51 -1.21 -16.19 11.58
C ARG A 51 -2.71 -16.47 11.66
N HIS A 52 -3.24 -16.54 12.88
CA HIS A 52 -4.65 -16.90 13.11
C HIS A 52 -5.34 -15.78 13.87
N VAL A 53 -6.06 -14.95 13.13
CA VAL A 53 -6.83 -13.88 13.76
C VAL A 53 -8.31 -14.19 13.55
N GLU A 54 -9.03 -14.46 14.64
CA GLU A 54 -10.39 -14.98 14.53
C GLU A 54 -11.34 -13.99 13.82
N GLY A 55 -11.92 -14.47 12.72
CA GLY A 55 -12.72 -13.66 11.82
C GLY A 55 -12.07 -13.56 10.45
N TYR A 56 -10.74 -13.63 10.45
CA TYR A 56 -9.94 -13.33 9.27
C TYR A 56 -9.14 -14.50 8.76
N ARG A 57 -9.25 -14.77 7.47
CA ARG A 57 -8.28 -15.62 6.79
C ARG A 57 -7.08 -14.76 6.43
N SER A 58 -5.89 -15.21 6.81
CA SER A 58 -4.67 -14.47 6.56
C SER A 58 -3.93 -15.03 5.37
N PHE A 59 -3.30 -14.14 4.59
CA PHE A 59 -2.48 -14.56 3.45
C PHE A 59 -1.16 -13.80 3.47
N PHE A 60 -0.07 -14.52 3.27
CA PHE A 60 1.26 -13.92 3.33
C PHE A 60 2.07 -14.18 2.09
N THR A 61 2.64 -13.11 1.57
CA THR A 61 3.59 -13.20 0.48
C THR A 61 4.94 -12.68 0.97
N PRO A 62 5.80 -13.60 1.45
CA PRO A 62 7.13 -13.25 1.91
C PRO A 62 8.16 -13.32 0.79
N ALA A 63 9.18 -12.47 0.87
CA ALA A 63 10.27 -12.49 -0.10
C ALA A 63 11.14 -13.73 0.08
N GLU A 64 12.00 -14.00 -0.90
CA GLU A 64 13.04 -15.01 -0.77
C GLU A 64 14.33 -14.36 -0.29
N ARG A 65 14.18 -13.45 0.66
CA ARG A 65 15.25 -12.79 1.35
C ARG A 65 14.77 -12.71 2.78
N LYS A 66 15.47 -13.41 3.66
CA LYS A 66 15.10 -13.50 5.07
C LYS A 66 14.66 -12.16 5.64
N GLY A 67 13.41 -12.09 6.08
CA GLY A 67 12.85 -10.90 6.72
C GLY A 67 13.10 -9.57 6.04
N TYR A 68 12.88 -9.54 4.73
CA TYR A 68 12.93 -8.32 3.94
C TYR A 68 11.70 -8.22 3.07
N SER A 69 11.16 -7.01 2.97
CA SER A 69 9.96 -6.74 2.19
C SER A 69 8.80 -7.56 2.74
N GLY A 70 7.97 -8.11 1.84
CA GLY A 70 6.87 -8.95 2.24
C GLY A 70 5.59 -8.18 2.45
N VAL A 71 4.53 -8.69 1.84
CA VAL A 71 3.20 -8.13 2.03
C VAL A 71 2.33 -9.19 2.69
N ALA A 72 1.24 -8.74 3.31
CA ALA A 72 0.30 -9.66 3.93
C ALA A 72 -1.11 -9.12 3.81
N MET A 73 -2.10 -9.97 4.05
CA MET A 73 -3.48 -9.55 4.01
C MET A 73 -4.36 -10.39 4.92
N TYR A 74 -5.19 -9.73 5.72
CA TYR A 74 -6.29 -10.36 6.46
C TYR A 74 -7.59 -9.91 5.83
N THR A 75 -8.59 -10.78 5.89
CA THR A 75 -9.84 -10.54 5.21
C THR A 75 -10.96 -11.44 5.75
N LYS A 76 -12.10 -10.83 6.06
CA LYS A 76 -13.27 -11.55 6.52
C LYS A 76 -13.72 -12.48 5.40
N VAL A 77 -14.25 -11.90 4.33
CA VAL A 77 -14.70 -12.62 3.14
C VAL A 77 -13.48 -13.00 2.29
N PRO A 78 -13.23 -14.32 2.10
CA PRO A 78 -12.02 -14.74 1.41
C PRO A 78 -12.06 -14.36 -0.07
N PRO A 79 -10.89 -14.12 -0.69
CA PRO A 79 -10.87 -13.89 -2.14
C PRO A 79 -11.12 -15.18 -2.93
N SER A 80 -11.73 -15.05 -4.10
CA SER A 80 -11.97 -16.20 -4.97
C SER A 80 -10.67 -16.82 -5.45
N SER A 81 -9.61 -16.02 -5.45
CA SER A 81 -8.27 -16.47 -5.78
C SER A 81 -7.31 -15.38 -5.36
N LEU A 82 -6.02 -15.70 -5.37
CA LEU A 82 -4.99 -14.81 -4.87
C LEU A 82 -3.77 -14.98 -5.75
N ARG A 83 -3.40 -13.94 -6.47
CA ARG A 83 -2.20 -13.99 -7.31
C ARG A 83 -1.07 -13.27 -6.57
N GLU A 84 0.16 -13.71 -6.79
CA GLU A 84 1.29 -13.18 -6.02
C GLU A 84 2.40 -12.51 -6.82
N GLY A 85 2.21 -12.39 -8.13
CA GLY A 85 3.22 -11.81 -8.99
C GLY A 85 2.65 -11.42 -10.33
N PHE A 86 3.41 -10.66 -11.10
CA PHE A 86 2.95 -10.16 -12.38
C PHE A 86 3.26 -11.14 -13.52
N GLY A 87 4.42 -11.79 -13.44
CA GLY A 87 4.86 -12.74 -14.46
C GLY A 87 6.32 -12.53 -14.83
N VAL A 88 7.00 -11.71 -14.04
CA VAL A 88 8.42 -11.48 -14.22
C VAL A 88 9.10 -11.83 -12.90
N GLU A 89 10.04 -12.77 -12.96
CA GLU A 89 10.68 -13.32 -11.76
C GLU A 89 11.13 -12.22 -10.80
N ARG A 90 11.98 -11.33 -11.30
CA ARG A 90 12.60 -10.25 -10.53
C ARG A 90 11.64 -9.59 -9.53
N PHE A 91 10.44 -9.28 -10.00
CA PHE A 91 9.46 -8.54 -9.20
C PHE A 91 8.63 -9.49 -8.33
N ASP A 92 8.41 -10.68 -8.88
CA ASP A 92 7.58 -11.69 -8.24
C ASP A 92 8.20 -12.27 -6.98
N THR A 93 9.55 -12.34 -6.92
CA THR A 93 10.26 -13.04 -5.84
C THR A 93 10.58 -12.22 -4.57
N GLU A 94 10.06 -11.00 -4.49
CA GLU A 94 10.36 -10.13 -3.34
C GLU A 94 9.19 -9.82 -2.38
N GLY A 95 8.14 -10.62 -2.45
CA GLY A 95 6.98 -10.44 -1.56
C GLY A 95 6.37 -9.06 -1.66
N ARG A 96 6.09 -8.63 -2.88
CA ARG A 96 5.65 -7.26 -3.13
C ARG A 96 4.24 -7.21 -3.66
N ILE A 97 3.74 -8.36 -4.12
CA ILE A 97 2.49 -8.42 -4.87
C ILE A 97 1.47 -9.37 -4.26
N GLN A 98 0.33 -8.82 -3.88
CA GLN A 98 -0.85 -9.61 -3.59
C GLN A 98 -2.01 -9.02 -4.34
N ILE A 99 -2.40 -9.67 -5.43
CA ILE A 99 -3.60 -9.29 -6.16
C ILE A 99 -4.67 -10.32 -5.81
N ALA A 100 -5.72 -9.85 -5.14
CA ALA A 100 -6.69 -10.76 -4.54
C ALA A 100 -8.05 -10.55 -5.12
N ASP A 101 -8.56 -11.54 -5.86
CA ASP A 101 -9.84 -11.41 -6.56
C ASP A 101 -11.06 -11.49 -5.63
N PHE A 102 -11.75 -10.37 -5.49
CA PHE A 102 -12.91 -10.31 -4.60
C PHE A 102 -14.24 -10.35 -5.36
N ASP A 103 -14.21 -10.94 -6.56
CA ASP A 103 -15.39 -11.14 -7.40
C ASP A 103 -16.32 -9.95 -7.37
N ASP A 104 -15.74 -8.77 -7.57
CA ASP A 104 -16.46 -7.51 -7.48
C ASP A 104 -15.45 -6.45 -7.83
N PHE A 105 -14.25 -6.63 -7.29
CA PHE A 105 -13.10 -5.80 -7.61
C PHE A 105 -11.85 -6.65 -7.38
N LEU A 106 -10.75 -6.25 -8.01
CA LEU A 106 -9.44 -6.78 -7.67
C LEU A 106 -8.83 -5.89 -6.60
N LEU A 107 -8.41 -6.48 -5.48
CA LEU A 107 -7.62 -5.73 -4.51
C LEU A 107 -6.13 -5.99 -4.71
N TYR A 108 -5.42 -4.94 -5.08
CA TYR A 108 -3.99 -4.99 -5.33
C TYR A 108 -3.24 -4.51 -4.10
N ASN A 109 -2.60 -5.43 -3.40
CA ASN A 109 -1.79 -5.10 -2.26
C ASN A 109 -0.34 -5.07 -2.71
N ILE A 110 0.20 -3.88 -2.93
CA ILE A 110 1.54 -3.78 -3.47
C ILE A 110 2.49 -2.96 -2.62
N TYR A 111 3.65 -3.55 -2.36
CA TYR A 111 4.74 -2.82 -1.74
C TYR A 111 5.72 -2.50 -2.86
N PHE A 112 5.67 -1.25 -3.32
CA PHE A 112 6.52 -0.78 -4.39
C PHE A 112 7.92 -0.48 -3.89
N PRO A 113 8.94 -0.86 -4.68
CA PRO A 113 10.34 -0.77 -4.32
C PRO A 113 10.81 0.63 -3.94
N ASN A 114 11.52 0.71 -2.83
CA ASN A 114 12.25 1.91 -2.45
C ASN A 114 13.48 2.07 -3.35
N GLY A 115 13.67 3.28 -3.86
CA GLY A 115 14.79 3.59 -4.75
C GLY A 115 15.80 4.55 -4.16
N LYS A 116 15.70 4.78 -2.85
CA LYS A 116 16.63 5.63 -2.11
C LYS A 116 18.06 5.11 -2.18
N MET A 117 18.23 3.81 -1.98
CA MET A 117 19.53 3.23 -1.65
C MET A 117 20.48 2.90 -2.81
N SER A 118 19.99 2.94 -4.05
CA SER A 118 20.81 2.60 -5.21
C SER A 118 20.15 2.96 -6.54
N GLU A 119 20.99 3.24 -7.55
CA GLU A 119 20.53 3.52 -8.90
C GLU A 119 19.90 2.27 -9.52
N GLU A 120 20.52 1.11 -9.30
CA GLU A 120 20.00 -0.16 -9.84
C GLU A 120 18.83 -0.72 -9.05
N ARG A 121 18.68 -0.27 -7.78
CA ARG A 121 17.47 -0.57 -7.00
C ARG A 121 16.33 0.39 -7.32
N LEU A 122 16.67 1.66 -7.57
CA LEU A 122 15.83 2.54 -8.37
C LEU A 122 15.81 1.81 -9.70
N LYS A 123 15.21 2.36 -10.74
CA LYS A 123 15.24 1.65 -12.04
C LYS A 123 14.32 0.45 -11.87
N TYR A 124 14.80 -0.54 -11.13
CA TYR A 124 14.00 -1.65 -10.63
C TYR A 124 12.63 -1.17 -10.12
N LYS A 125 12.65 -0.08 -9.36
CA LYS A 125 11.43 0.56 -8.89
C LYS A 125 10.52 0.94 -10.06
N LEU A 126 11.10 1.59 -11.07
CA LEU A 126 10.33 2.07 -12.21
C LEU A 126 9.88 0.95 -13.13
N GLU A 127 10.79 0.03 -13.42
CA GLU A 127 10.47 -1.15 -14.22
C GLU A 127 9.42 -1.99 -13.50
N PHE A 128 9.47 -1.97 -12.16
CA PHE A 128 8.42 -2.54 -11.33
C PHE A 128 7.10 -1.80 -11.53
N TYR A 129 7.16 -0.48 -11.42
CA TYR A 129 6.03 0.38 -11.75
C TYR A 129 5.45 0.00 -13.11
N ASP A 130 6.33 -0.13 -14.11
CA ASP A 130 5.92 -0.40 -15.48
C ASP A 130 5.16 -1.71 -15.55
N ALA A 131 5.77 -2.75 -14.99
CA ALA A 131 5.19 -4.09 -14.93
C ALA A 131 3.82 -4.08 -14.26
N PHE A 132 3.68 -3.26 -13.21
CA PHE A 132 2.42 -3.12 -12.50
C PHE A 132 1.34 -2.53 -13.39
N LEU A 133 1.70 -1.50 -14.16
CA LEU A 133 0.70 -0.77 -14.93
C LEU A 133 0.14 -1.66 -16.03
N GLU A 134 1.00 -2.21 -16.87
CA GLU A 134 0.59 -3.10 -17.95
C GLU A 134 -0.37 -4.17 -17.44
N ASP A 135 -0.08 -4.63 -16.22
CA ASP A 135 -0.86 -5.64 -15.50
C ASP A 135 -2.25 -5.13 -15.10
N VAL A 136 -2.29 -4.05 -14.34
CA VAL A 136 -3.56 -3.49 -13.88
C VAL A 136 -4.41 -3.09 -15.09
N ASN A 137 -3.75 -2.53 -16.10
CA ASN A 137 -4.41 -2.24 -17.37
C ASN A 137 -5.13 -3.48 -17.88
N ARG A 138 -4.38 -4.56 -18.09
CA ARG A 138 -4.90 -5.84 -18.59
C ARG A 138 -6.13 -6.31 -17.81
N GLU A 139 -6.10 -6.11 -16.49
CA GLU A 139 -7.18 -6.53 -15.60
C GLU A 139 -8.43 -5.66 -15.69
N ARG A 140 -8.24 -4.33 -15.73
CA ARG A 140 -9.37 -3.41 -15.84
C ARG A 140 -9.86 -3.20 -17.28
N ASP A 141 -8.99 -3.50 -18.26
CA ASP A 141 -9.44 -3.59 -19.64
C ASP A 141 -10.42 -4.75 -19.71
N SER A 142 -10.03 -5.87 -19.11
CA SER A 142 -10.88 -7.05 -18.93
C SER A 142 -12.20 -6.75 -18.21
N GLY A 143 -12.40 -5.48 -17.85
CA GLY A 143 -13.64 -5.05 -17.24
C GLY A 143 -13.66 -5.21 -15.74
N ARG A 144 -12.55 -5.68 -15.18
CA ARG A 144 -12.45 -5.87 -13.74
C ARG A 144 -12.13 -4.55 -13.06
N ASN A 145 -12.92 -4.20 -12.04
CA ASN A 145 -12.65 -3.04 -11.20
C ASN A 145 -11.49 -3.29 -10.26
N VAL A 146 -10.59 -2.31 -10.15
CA VAL A 146 -9.40 -2.49 -9.32
C VAL A 146 -9.34 -1.49 -8.16
N ILE A 147 -9.00 -2.02 -6.99
CA ILE A 147 -8.55 -1.18 -5.88
C ILE A 147 -7.09 -1.51 -5.62
N ILE A 148 -6.25 -0.48 -5.59
CA ILE A 148 -4.82 -0.66 -5.41
C ILE A 148 -4.36 0.18 -4.22
N CYS A 149 -3.80 -0.49 -3.23
CA CYS A 149 -3.25 0.18 -2.07
C CYS A 149 -1.88 -0.40 -1.78
N GLY A 150 -1.10 0.34 -1.02
CA GLY A 150 0.22 -0.10 -0.64
C GLY A 150 1.18 1.04 -0.55
N ASN A 151 2.46 0.70 -0.51
CA ASN A 151 3.51 1.70 -0.38
C ASN A 151 4.12 1.96 -1.74
N PHE A 152 3.69 3.05 -2.36
CA PHE A 152 4.20 3.46 -3.66
C PHE A 152 5.62 3.98 -3.55
N ASN A 153 5.99 4.46 -2.36
CA ASN A 153 7.31 5.04 -2.12
C ASN A 153 7.57 6.27 -2.99
N THR A 154 6.49 7.00 -3.31
CA THR A 154 6.57 8.20 -4.13
C THR A 154 5.46 9.18 -3.79
N ALA A 155 5.86 10.41 -3.45
CA ALA A 155 4.94 11.53 -3.34
C ALA A 155 4.61 12.02 -4.74
N HIS A 156 3.33 12.15 -5.04
CA HIS A 156 2.84 12.49 -6.38
C HIS A 156 3.20 13.93 -6.75
N ARG A 157 2.64 14.86 -5.98
CA ARG A 157 2.81 16.28 -6.21
C ARG A 157 3.49 16.93 -5.01
N GLU A 158 3.85 18.21 -5.16
CA GLU A 158 4.51 18.96 -4.10
C GLU A 158 3.75 18.91 -2.78
N ILE A 159 2.43 18.92 -2.87
CA ILE A 159 1.53 18.94 -1.70
C ILE A 159 1.62 17.64 -0.87
N ASP A 160 2.18 16.59 -1.47
CA ASP A 160 2.28 15.26 -0.86
C ASP A 160 3.56 15.04 -0.03
N LEU A 161 4.33 16.08 0.21
CA LEU A 161 5.40 16.00 1.22
C LEU A 161 5.69 17.37 1.83
N ALA A 162 6.13 17.38 3.09
CA ALA A 162 6.41 18.62 3.82
C ALA A 162 7.46 19.50 3.15
N ARG A 163 8.53 18.90 2.64
CA ARG A 163 9.62 19.69 2.08
C ARG A 163 10.04 19.26 0.66
N PRO A 164 9.15 19.49 -0.34
CA PRO A 164 9.41 19.06 -1.72
C PRO A 164 10.69 19.65 -2.31
N LYS A 165 10.97 20.89 -1.94
CA LYS A 165 11.98 21.69 -2.65
C LYS A 165 13.40 21.21 -2.41
N GLU A 166 13.68 20.83 -1.15
CA GLU A 166 14.98 20.29 -0.81
C GLU A 166 15.09 18.83 -1.27
N ASN A 167 13.95 18.28 -1.70
CA ASN A 167 13.84 16.85 -1.98
C ASN A 167 13.75 16.47 -3.45
N SER A 168 14.02 17.43 -4.34
CA SER A 168 13.95 17.20 -5.80
C SER A 168 14.83 16.04 -6.27
N ASN A 169 15.98 15.88 -5.61
CA ASN A 169 17.01 14.93 -6.01
C ASN A 169 16.95 13.56 -5.31
N VAL A 170 16.19 13.47 -4.22
CA VAL A 170 16.01 12.19 -3.50
C VAL A 170 14.96 11.33 -4.23
N SER A 171 15.16 10.03 -4.21
CA SER A 171 14.15 9.08 -4.66
C SER A 171 12.93 9.13 -3.72
N GLY A 172 11.74 9.24 -4.31
CA GLY A 172 10.50 9.43 -3.55
C GLY A 172 9.78 10.67 -4.03
N PHE A 173 10.56 11.63 -4.53
CA PHE A 173 10.01 12.84 -5.15
C PHE A 173 10.82 13.27 -6.38
N LEU A 174 11.59 12.32 -6.95
CA LEU A 174 12.26 12.55 -8.23
C LEU A 174 11.23 12.85 -9.31
N PRO A 175 11.54 13.78 -10.25
CA PRO A 175 10.59 14.06 -11.33
C PRO A 175 10.30 12.80 -12.15
N VAL A 176 11.26 11.89 -12.21
CA VAL A 176 11.12 10.63 -12.94
C VAL A 176 9.99 9.77 -12.37
N GLU A 177 9.88 9.74 -11.04
CA GLU A 177 8.90 8.91 -10.34
C GLU A 177 7.56 9.62 -10.19
N ARG A 178 7.60 10.93 -10.04
CA ARG A 178 6.40 11.77 -10.01
C ARG A 178 5.69 11.69 -11.36
N ALA A 179 6.51 11.53 -12.42
CA ALA A 179 6.02 11.32 -13.78
C ALA A 179 5.12 10.11 -13.85
N TRP A 180 5.64 8.98 -13.37
CA TRP A 180 4.92 7.72 -13.48
C TRP A 180 3.51 7.79 -12.89
N ILE A 181 3.33 8.50 -11.77
CA ILE A 181 2.00 8.57 -11.15
C ILE A 181 1.03 9.33 -12.05
N ASP A 182 1.54 10.38 -12.73
CA ASP A 182 0.78 11.07 -13.77
C ASP A 182 0.31 10.08 -14.83
N LYS A 183 1.27 9.37 -15.45
CA LYS A 183 1.00 8.29 -16.39
C LYS A 183 -0.07 7.37 -15.82
N PHE A 184 0.16 6.91 -14.59
CA PHE A 184 -0.73 5.99 -13.90
C PHE A 184 -2.15 6.53 -13.83
N ILE A 185 -2.28 7.78 -13.38
CA ILE A 185 -3.59 8.43 -13.29
C ILE A 185 -4.18 8.67 -14.67
N GLU A 186 -3.34 9.11 -15.61
CA GLU A 186 -3.75 9.41 -16.98
C GLU A 186 -4.34 8.18 -17.62
N ASN A 187 -3.88 7.02 -17.16
CA ASN A 187 -4.36 5.73 -17.63
C ASN A 187 -5.70 5.35 -17.03
N GLY A 188 -6.28 6.22 -16.21
CA GLY A 188 -7.63 5.99 -15.70
C GLY A 188 -7.72 5.52 -14.26
N TYR A 189 -6.89 6.09 -13.39
CA TYR A 189 -6.90 5.77 -11.97
C TYR A 189 -6.96 7.01 -11.09
N VAL A 190 -7.91 6.97 -10.15
CA VAL A 190 -8.19 8.09 -9.26
C VAL A 190 -7.50 7.87 -7.92
N ASP A 191 -6.73 8.87 -7.49
CA ASP A 191 -6.11 8.88 -6.17
C ASP A 191 -7.20 9.14 -5.13
N THR A 192 -7.86 8.07 -4.70
CA THR A 192 -9.07 8.19 -3.88
C THR A 192 -8.98 9.17 -2.72
N PHE A 193 -7.79 9.35 -2.15
CA PHE A 193 -7.68 10.26 -1.01
C PHE A 193 -7.97 11.68 -1.46
N ARG A 194 -7.38 12.06 -2.59
CA ARG A 194 -7.55 13.39 -3.17
C ARG A 194 -8.99 13.69 -3.61
N MET A 195 -9.82 12.65 -3.63
CA MET A 195 -11.25 12.78 -3.85
C MET A 195 -11.95 13.44 -2.67
N PHE A 196 -11.26 13.56 -1.54
CA PHE A 196 -11.90 14.03 -0.33
C PHE A 196 -11.12 15.16 0.33
N ASN A 197 -9.81 14.96 0.47
CA ASN A 197 -8.96 15.95 1.06
C ASN A 197 -8.06 16.56 0.00
N SER A 198 -7.94 17.89 0.06
CA SER A 198 -7.11 18.66 -0.86
C SER A 198 -6.14 19.57 -0.08
N ASP A 199 -6.24 19.51 1.25
CA ASP A 199 -5.34 20.20 2.17
C ASP A 199 -3.92 19.65 2.11
N PRO A 200 -2.93 20.51 2.42
CA PRO A 200 -1.55 20.03 2.53
C PRO A 200 -1.28 19.43 3.92
N GLY A 201 -0.05 18.96 4.15
CA GLY A 201 0.32 18.41 5.46
C GLY A 201 -0.35 17.08 5.81
N GLN A 202 -0.95 16.42 4.82
CA GLN A 202 -1.51 15.10 5.01
C GLN A 202 -0.49 14.10 4.54
N TYR A 203 0.00 13.28 5.46
CA TYR A 203 1.08 12.33 5.18
C TYR A 203 0.78 10.94 5.71
N THR A 204 1.60 9.98 5.29
CA THR A 204 1.48 8.59 5.70
C THR A 204 2.87 8.03 5.94
N TRP A 205 3.89 8.90 5.90
CA TRP A 205 5.26 8.51 6.19
C TRP A 205 6.05 9.65 6.82
N TRP A 206 6.88 9.32 7.82
CA TRP A 206 7.78 10.26 8.46
C TRP A 206 9.05 9.56 8.90
N SER A 207 10.19 10.11 8.53
CA SER A 207 11.51 9.62 8.96
C SER A 207 11.58 9.41 10.48
N TYR A 208 12.07 8.24 10.89
CA TYR A 208 12.30 7.94 12.31
C TYR A 208 13.33 8.90 12.88
N ARG A 209 14.53 8.92 12.30
CA ARG A 209 15.55 9.88 12.70
C ARG A 209 15.05 11.30 12.50
N THR A 210 15.59 12.23 13.29
CA THR A 210 15.03 13.58 13.45
C THR A 210 13.52 13.59 13.80
N ARG A 211 13.10 12.60 14.60
CA ARG A 211 11.75 12.56 15.19
C ARG A 211 10.68 13.35 14.40
N ALA A 212 10.60 13.08 13.10
CA ALA A 212 9.78 13.88 12.17
C ALA A 212 8.28 13.81 12.43
N ARG A 213 7.75 12.62 12.69
CA ARG A 213 6.32 12.39 12.96
C ARG A 213 5.77 13.40 13.96
N GLU A 214 6.51 13.59 15.05
CA GLU A 214 6.16 14.46 16.19
C GLU A 214 5.65 15.85 15.81
N ARG A 215 6.04 16.31 14.63
CA ARG A 215 5.72 17.65 14.15
C ARG A 215 5.27 17.65 12.67
N ASN A 216 4.85 16.48 12.19
CA ASN A 216 4.24 16.30 10.88
C ASN A 216 5.12 16.64 9.67
N VAL A 217 6.44 16.53 9.82
CA VAL A 217 7.36 16.74 8.71
C VAL A 217 7.54 15.43 7.92
N GLY A 218 6.53 15.09 7.11
CA GLY A 218 6.52 13.82 6.41
C GLY A 218 6.15 13.81 4.92
N TRP A 219 5.71 12.64 4.46
CA TRP A 219 5.45 12.36 3.06
C TRP A 219 4.15 11.59 2.95
N ARG A 220 3.53 11.63 1.78
CA ARG A 220 2.42 10.73 1.49
C ARG A 220 2.89 9.68 0.46
N LEU A 221 3.13 8.46 0.95
CA LEU A 221 3.72 7.40 0.13
C LEU A 221 2.77 6.23 -0.05
N ASP A 222 1.85 6.09 0.89
CA ASP A 222 0.89 5.00 0.90
C ASP A 222 -0.39 5.51 0.29
N TYR A 223 -0.86 4.83 -0.76
CA TYR A 223 -2.02 5.30 -1.51
C TYR A 223 -3.12 4.27 -1.68
N PHE A 224 -4.36 4.77 -1.76
CA PHE A 224 -5.49 4.00 -2.23
C PHE A 224 -5.91 4.55 -3.59
N PHE A 225 -5.95 3.67 -4.58
CA PHE A 225 -6.28 4.06 -5.94
C PHE A 225 -7.43 3.19 -6.43
N VAL A 226 -8.34 3.77 -7.21
CA VAL A 226 -9.31 2.98 -8.00
C VAL A 226 -9.19 3.34 -9.47
N ASN A 227 -9.98 2.65 -10.30
CA ASN A 227 -10.14 3.02 -11.70
C ASN A 227 -11.27 4.03 -11.85
N GLU A 228 -11.15 4.95 -12.82
CA GLU A 228 -12.13 6.01 -13.05
C GLU A 228 -13.55 5.46 -12.92
N GLU A 229 -13.75 4.27 -13.47
CA GLU A 229 -15.04 3.62 -13.58
C GLU A 229 -15.60 3.21 -12.21
N PHE A 230 -14.73 3.20 -11.20
CA PHE A 230 -15.11 2.78 -9.85
C PHE A 230 -15.23 3.96 -8.87
N LYS A 231 -14.60 5.08 -9.23
CA LYS A 231 -14.67 6.35 -8.48
C LYS A 231 -15.97 6.53 -7.71
N GLY A 232 -17.09 6.30 -8.38
CA GLY A 232 -18.43 6.52 -7.82
C GLY A 232 -18.65 5.83 -6.48
N LYS A 233 -18.25 4.56 -6.39
CA LYS A 233 -18.66 3.67 -5.29
C LYS A 233 -17.77 3.67 -4.04
N VAL A 234 -16.79 4.56 -3.98
CA VAL A 234 -16.01 4.78 -2.75
C VAL A 234 -16.50 6.03 -1.99
N LYS A 235 -16.84 5.83 -0.73
CA LYS A 235 -17.48 6.84 0.11
C LYS A 235 -16.60 7.16 1.32
N ARG A 236 -15.30 7.23 1.04
CA ARG A 236 -14.27 7.87 1.87
C ARG A 236 -12.93 7.16 1.82
N SER A 237 -11.91 7.96 1.55
CA SER A 237 -10.53 7.55 1.67
C SER A 237 -9.90 8.53 2.64
N TRP A 238 -9.49 8.03 3.80
CA TRP A 238 -8.90 8.89 4.82
C TRP A 238 -7.51 8.39 5.22
N ILE A 239 -6.93 9.01 6.23
CA ILE A 239 -5.62 8.62 6.74
C ILE A 239 -5.72 8.43 8.25
N LEU A 240 -5.28 7.27 8.73
CA LEU A 240 -5.24 6.99 10.16
C LEU A 240 -3.97 7.55 10.80
N SER A 241 -3.88 8.88 10.86
CA SER A 241 -2.67 9.59 11.30
C SER A 241 -2.23 9.30 12.74
N ASP A 242 -3.16 8.78 13.56
CA ASP A 242 -2.94 8.63 15.01
C ASP A 242 -2.45 7.25 15.46
N VAL A 243 -2.67 6.25 14.61
CA VAL A 243 -2.14 4.90 14.81
C VAL A 243 -0.61 4.87 14.77
N MET A 244 -0.02 4.33 15.84
CA MET A 244 1.44 4.34 16.05
C MET A 244 2.17 3.04 15.69
N GLY A 245 3.48 3.02 15.92
CA GLY A 245 4.28 1.80 15.83
C GLY A 245 4.88 1.45 14.47
N SER A 246 5.14 2.49 13.68
CA SER A 246 5.70 2.38 12.33
C SER A 246 6.05 3.78 11.85
N ASP A 247 7.02 3.87 10.94
CA ASP A 247 7.39 5.15 10.33
C ASP A 247 6.36 5.59 9.30
N HIS A 248 5.73 4.61 8.64
CA HIS A 248 4.49 4.84 7.91
C HIS A 248 3.33 4.85 8.89
N CYS A 249 2.13 5.07 8.39
CA CYS A 249 0.92 4.89 9.18
C CYS A 249 -0.14 4.24 8.29
N PRO A 250 -1.25 3.81 8.89
CA PRO A 250 -2.30 3.19 8.09
C PRO A 250 -3.18 4.19 7.36
N ILE A 251 -3.74 3.76 6.24
CA ILE A 251 -4.67 4.57 5.46
C ILE A 251 -5.92 3.78 5.18
N GLY A 252 -7.07 4.43 5.29
CA GLY A 252 -8.33 3.74 5.16
C GLY A 252 -9.09 4.10 3.90
N LEU A 253 -9.81 3.11 3.38
CA LEU A 253 -10.80 3.31 2.35
C LEU A 253 -12.14 2.80 2.87
N GLU A 254 -13.22 3.07 2.16
CA GLU A 254 -14.42 2.25 2.29
C GLU A 254 -15.29 2.32 1.03
N ILE A 255 -15.79 1.18 0.59
CA ILE A 255 -16.54 1.09 -0.67
C ILE A 255 -18.00 0.63 -0.47
N GLU A 256 -18.58 -0.08 -1.45
CA GLU A 256 -20.04 -0.35 -1.49
C GLU A 256 -20.51 -1.76 -1.89
N LEU A 257 -21.83 -1.96 -1.83
CA LEU A 257 -22.47 -3.27 -2.05
C LEU A 257 -22.85 -3.58 -3.49
N LEU A 258 -23.10 -4.87 -3.72
CA LEU A 258 -23.54 -5.45 -5.00
C LEU A 258 -23.98 -6.90 -4.74
C1 GOL D . -6.68 6.64 -21.25
O1 GOL D . -7.81 6.03 -20.67
C2 GOL D . -5.57 5.62 -21.55
O2 GOL D . -5.94 4.83 -22.66
C3 GOL D . -4.20 6.30 -21.77
O3 GOL D . -3.39 5.59 -22.68
C1 GOL E . 12.21 -17.31 3.95
O1 GOL E . 11.06 -17.29 3.14
C2 GOL E . 13.35 -17.99 3.19
O2 GOL E . 14.52 -17.20 3.26
C3 GOL E . 13.61 -19.38 3.80
O3 GOL E . 14.38 -20.16 2.90
C1 GOL F . -28.85 -2.93 -5.48
O1 GOL F . -30.23 -3.26 -5.41
C2 GOL F . -28.02 -3.87 -4.60
O2 GOL F . -26.69 -3.39 -4.49
C3 GOL F . -28.06 -5.32 -5.16
O3 GOL F . -26.93 -6.07 -4.74
C1 GOL G . -7.27 -18.92 -1.07
O1 GOL G . -8.59 -18.55 -0.74
C2 GOL G . -7.11 -18.91 -2.57
O2 GOL G . -8.30 -19.41 -3.14
C3 GOL G . -5.91 -19.78 -2.95
O3 GOL G . -4.71 -19.06 -2.75
C1 GOL H . 2.90 -7.93 22.77
O1 GOL H . 1.53 -8.28 22.66
C2 GOL H . 3.76 -9.13 22.39
O2 GOL H . 3.42 -10.25 23.18
C3 GOL H . 5.25 -8.80 22.59
O3 GOL H . 6.07 -9.65 21.79
C1 GOL I . -14.61 5.33 7.88
O1 GOL I . -14.70 4.41 6.81
C2 GOL I . -14.20 6.67 7.30
O2 GOL I . -13.36 7.38 8.18
C3 GOL I . -15.44 7.46 6.94
O3 GOL I . -15.92 6.97 5.70
#